data_9L9T
#
_entry.id   9L9T
#
_cell.length_a   77.544
_cell.length_b   220.132
_cell.length_c   71.097
_cell.angle_alpha   90.00
_cell.angle_beta   90.00
_cell.angle_gamma   90.00
#
_symmetry.space_group_name_H-M   'C 2 2 21'
#
loop_
_entity.id
_entity.type
_entity.pdbx_description
1 polymer 'Membrane protein'
2 polymer 'N protein peptide poly-Ala model'
3 non-polymer 3,6,9,12,15-PENTAOXATRICOSAN-1-OL
4 water water
#
loop_
_entity_poly.entity_id
_entity_poly.type
_entity_poly.pdbx_seq_one_letter_code
_entity_poly.pdbx_strand_id
1 'polypeptide(L)'
;MASSNVTLSNDEVLRLVKDWNFTWSVVFLLITIVLQYGYPSRSMFVYVIKMFVLWLLWPASMALSIFCAVYPIDLASQII
SGILAATSCAMWISYFVQSIRLFMRTGSWWSFNPESNCLLNVPIGGTTVVRPLVEDSTSVTAVVTDGYLKMAGMHFGACD
FQRLPSEVTVAKPNVLIALKMIKRQAYGTNSGVAIYHRYKAGNYRRPPIIQDQELALLRA
;
A,B
2 'polypeptide(L)' AAAAA C,D
#
loop_
_chem_comp.id
_chem_comp.type
_chem_comp.name
_chem_comp.formula
N8E non-polymer 3,6,9,12,15-PENTAOXATRICOSAN-1-OL 'C18 H38 O6'
#
# COMPACT_ATOMS: atom_id res chain seq x y z
N ASP A 11 -9.52 47.20 -1.99
CA ASP A 11 -9.55 46.87 -0.58
C ASP A 11 -10.05 45.45 -0.37
N GLU A 12 -11.32 45.22 -0.70
CA GLU A 12 -11.87 43.86 -0.66
C GLU A 12 -11.13 42.91 -1.60
N VAL A 13 -10.40 43.45 -2.58
CA VAL A 13 -9.68 42.61 -3.54
C VAL A 13 -8.64 41.78 -2.80
N LEU A 14 -7.91 42.40 -1.86
CA LEU A 14 -6.86 41.67 -1.16
C LEU A 14 -7.44 40.69 -0.14
N ARG A 15 -8.60 41.02 0.44
CA ARG A 15 -9.20 40.13 1.43
C ARG A 15 -9.52 38.76 0.85
N LEU A 16 -10.12 38.72 -0.35
CA LEU A 16 -10.45 37.46 -0.97
C LEU A 16 -9.20 36.64 -1.28
N VAL A 17 -8.13 37.31 -1.69
CA VAL A 17 -6.84 36.64 -1.90
C VAL A 17 -6.40 35.94 -0.61
N LYS A 18 -6.47 36.66 0.51
CA LYS A 18 -6.07 36.10 1.80
C LYS A 18 -6.92 34.89 2.17
N ASP A 19 -8.25 35.01 2.09
CA ASP A 19 -9.13 33.92 2.46
C ASP A 19 -8.90 32.69 1.59
N TRP A 20 -8.90 32.87 0.28
CA TRP A 20 -8.74 31.74 -0.63
C TRP A 20 -7.40 31.06 -0.46
N ASN A 21 -6.32 31.83 -0.31
CA ASN A 21 -4.99 31.25 -0.17
C ASN A 21 -4.85 30.48 1.14
N PHE A 22 -5.49 30.97 2.22
CA PHE A 22 -5.45 30.25 3.49
C PHE A 22 -6.11 28.89 3.38
N THR A 23 -7.33 28.86 2.82
CA THR A 23 -8.03 27.58 2.68
C THR A 23 -7.28 26.62 1.80
N TRP A 24 -6.71 27.11 0.69
CA TRP A 24 -5.96 26.23 -0.22
C TRP A 24 -4.72 25.67 0.48
N SER A 25 -4.09 26.47 1.33
CA SER A 25 -2.90 26.00 2.05
C SER A 25 -3.25 24.85 2.99
N VAL A 26 -4.37 24.95 3.70
CA VAL A 26 -4.81 23.86 4.56
C VAL A 26 -5.12 22.61 3.75
N VAL A 27 -5.80 22.78 2.61
CA VAL A 27 -6.14 21.64 1.76
C VAL A 27 -4.89 20.98 1.21
N PHE A 28 -3.92 21.79 0.77
CA PHE A 28 -2.68 21.23 0.23
C PHE A 28 -1.92 20.43 1.28
N LEU A 29 -1.88 20.92 2.51
CA LEU A 29 -1.21 20.19 3.58
C LEU A 29 -1.90 18.87 3.85
N LEU A 30 -3.24 18.88 3.90
CA LEU A 30 -3.99 17.65 4.14
C LEU A 30 -3.71 16.62 3.06
N ILE A 31 -3.64 17.05 1.79
CA ILE A 31 -3.40 16.14 0.69
C ILE A 31 -1.99 15.55 0.79
N THR A 32 -1.00 16.37 1.16
CA THR A 32 0.34 15.86 1.36
C THR A 32 0.37 14.76 2.42
N ILE A 33 -0.35 14.96 3.52
CA ILE A 33 -0.33 14.01 4.63
C ILE A 33 -0.95 12.67 4.21
N VAL A 34 -2.14 12.71 3.60
CA VAL A 34 -2.78 11.44 3.23
C VAL A 34 -1.99 10.74 2.13
N LEU A 35 -1.32 11.50 1.27
CA LEU A 35 -0.54 10.88 0.20
C LEU A 35 0.74 10.25 0.72
N GLN A 36 1.31 10.81 1.80
CA GLN A 36 2.56 10.32 2.36
C GLN A 36 2.36 9.25 3.43
N TYR A 37 1.31 9.37 4.25
CA TYR A 37 1.13 8.49 5.40
C TYR A 37 -0.18 7.71 5.40
N GLY A 38 -1.00 7.82 4.35
CA GLY A 38 -2.30 7.21 4.38
C GLY A 38 -2.33 5.77 3.94
N TYR A 39 -1.63 4.90 4.66
CA TYR A 39 -1.59 3.48 4.34
C TYR A 39 -1.69 2.68 5.63
N PRO A 40 -2.34 1.52 5.60
CA PRO A 40 -2.44 0.71 6.83
C PRO A 40 -1.09 0.27 7.37
N SER A 41 -0.08 0.10 6.51
CA SER A 41 1.26 -0.26 6.98
C SER A 41 2.00 0.88 7.65
N ARG A 42 1.42 2.09 7.66
CA ARG A 42 2.00 3.22 8.37
C ARG A 42 1.13 3.60 9.56
N SER A 43 -0.10 4.05 9.33
CA SER A 43 -1.02 4.36 10.42
C SER A 43 -2.44 4.25 9.91
N MET A 44 -3.31 3.63 10.72
CA MET A 44 -4.70 3.52 10.33
C MET A 44 -5.41 4.87 10.37
N PHE A 45 -4.90 5.80 11.19
CA PHE A 45 -5.55 7.10 11.34
C PHE A 45 -5.53 7.87 10.02
N VAL A 46 -4.34 8.07 9.44
CA VAL A 46 -4.26 8.78 8.17
C VAL A 46 -4.93 7.98 7.06
N TYR A 47 -5.01 6.67 7.21
CA TYR A 47 -5.73 5.85 6.23
C TYR A 47 -7.21 6.21 6.18
N VAL A 48 -7.83 6.35 7.35
CA VAL A 48 -9.25 6.71 7.39
C VAL A 48 -9.46 8.11 6.84
N ILE A 49 -8.54 9.04 7.15
CA ILE A 49 -8.62 10.39 6.60
C ILE A 49 -8.54 10.33 5.08
N LYS A 50 -7.60 9.55 4.55
CA LYS A 50 -7.45 9.42 3.10
C LYS A 50 -8.73 8.86 2.48
N MET A 51 -9.35 7.88 3.12
CA MET A 51 -10.61 7.36 2.60
C MET A 51 -11.67 8.45 2.56
N PHE A 52 -11.82 9.19 3.65
CA PHE A 52 -12.78 10.30 3.68
C PHE A 52 -12.51 11.28 2.55
N VAL A 53 -11.24 11.58 2.28
CA VAL A 53 -10.91 12.48 1.19
C VAL A 53 -11.36 11.90 -0.15
N LEU A 54 -11.13 10.60 -0.34
CA LEU A 54 -11.48 9.99 -1.62
C LEU A 54 -12.98 9.95 -1.84
N TRP A 55 -13.75 9.57 -0.81
CA TRP A 55 -15.21 9.59 -0.92
C TRP A 55 -15.73 10.97 -1.29
N LEU A 56 -15.17 12.01 -0.66
CA LEU A 56 -15.58 13.37 -1.01
C LEU A 56 -15.08 13.77 -2.39
N LEU A 57 -13.98 13.18 -2.85
CA LEU A 57 -13.31 13.68 -4.05
C LEU A 57 -14.08 13.35 -5.32
N TRP A 58 -14.73 12.17 -5.37
CA TRP A 58 -15.47 11.77 -6.55
C TRP A 58 -16.56 12.77 -6.96
N PRO A 59 -17.54 13.09 -6.11
CA PRO A 59 -18.60 14.00 -6.57
C PRO A 59 -18.13 15.43 -6.81
N ALA A 60 -17.12 15.88 -6.06
CA ALA A 60 -16.59 17.22 -6.28
C ALA A 60 -15.95 17.35 -7.67
N SER A 61 -15.17 16.35 -8.08
CA SER A 61 -14.58 16.36 -9.42
C SER A 61 -15.65 16.35 -10.49
N MET A 62 -16.68 15.52 -10.32
CA MET A 62 -17.75 15.47 -11.31
C MET A 62 -18.49 16.79 -11.38
N ALA A 63 -18.83 17.36 -10.21
CA ALA A 63 -19.57 18.62 -10.18
C ALA A 63 -18.74 19.77 -10.75
N LEU A 64 -17.43 19.75 -10.52
CA LEU A 64 -16.56 20.78 -11.08
C LEU A 64 -16.56 20.73 -12.60
N SER A 65 -16.43 19.52 -13.16
CA SER A 65 -16.42 19.36 -14.61
C SER A 65 -17.76 19.70 -15.24
N ILE A 66 -18.86 19.41 -14.53
CA ILE A 66 -20.17 19.79 -15.04
C ILE A 66 -20.30 21.31 -15.09
N PHE A 67 -19.78 22.00 -14.05
CA PHE A 67 -19.80 23.46 -14.05
C PHE A 67 -19.00 24.02 -15.23
N CYS A 68 -17.82 23.45 -15.51
CA CYS A 68 -17.03 23.92 -16.63
C CYS A 68 -17.70 23.60 -17.96
N ALA A 69 -18.50 22.54 -18.01
CA ALA A 69 -19.22 22.23 -19.24
C ALA A 69 -20.34 23.24 -19.48
N VAL A 70 -20.95 23.74 -18.41
CA VAL A 70 -21.98 24.77 -18.56
C VAL A 70 -21.35 26.12 -18.85
N TYR A 71 -20.20 26.42 -18.24
CA TYR A 71 -19.47 27.67 -18.45
C TYR A 71 -18.09 27.35 -19.01
N PRO A 72 -17.99 27.04 -20.30
CA PRO A 72 -16.69 26.67 -20.88
C PRO A 72 -15.95 27.87 -21.43
N ILE A 73 -14.64 27.68 -21.61
CA ILE A 73 -13.82 28.68 -22.29
C ILE A 73 -14.06 28.67 -23.78
N ASP A 74 -14.16 27.48 -24.37
CA ASP A 74 -14.45 27.31 -25.79
C ASP A 74 -14.99 25.90 -26.00
N LEU A 75 -15.09 25.48 -27.26
CA LEU A 75 -15.64 24.16 -27.56
C LEU A 75 -14.74 23.05 -27.01
N ALA A 76 -13.42 23.25 -27.08
CA ALA A 76 -12.50 22.23 -26.58
C ALA A 76 -12.64 22.03 -25.08
N SER A 77 -12.81 23.13 -24.33
CA SER A 77 -13.04 23.03 -22.89
C SER A 77 -14.34 22.30 -22.58
N GLN A 78 -15.37 22.55 -23.39
CA GLN A 78 -16.66 21.90 -23.17
C GLN A 78 -16.56 20.39 -23.39
N ILE A 79 -15.92 19.97 -24.50
CA ILE A 79 -15.81 18.55 -24.79
C ILE A 79 -14.94 17.85 -23.75
N ILE A 80 -13.81 18.48 -23.39
CA ILE A 80 -12.92 17.89 -22.39
C ILE A 80 -13.64 17.79 -21.05
N SER A 81 -14.44 18.81 -20.71
CA SER A 81 -15.18 18.78 -19.45
C SER A 81 -16.16 17.60 -19.42
N GLY A 82 -16.86 17.36 -20.53
CA GLY A 82 -17.76 16.22 -20.60
C GLY A 82 -17.04 14.89 -20.41
N ILE A 83 -15.89 14.73 -21.07
CA ILE A 83 -15.14 13.48 -20.95
C ILE A 83 -14.61 13.28 -19.53
N LEU A 84 -14.13 14.35 -18.90
CA LEU A 84 -13.64 14.23 -17.54
C LEU A 84 -14.76 13.91 -16.56
N ALA A 85 -15.94 14.49 -16.78
CA ALA A 85 -17.09 14.21 -15.92
C ALA A 85 -17.50 12.74 -16.02
N ALA A 86 -17.58 12.21 -17.24
CA ALA A 86 -17.85 10.79 -17.40
C ALA A 86 -16.76 9.93 -16.79
N THR A 87 -15.50 10.40 -16.83
CA THR A 87 -14.41 9.67 -16.22
C THR A 87 -14.59 9.56 -14.71
N SER A 88 -14.96 10.68 -14.07
CA SER A 88 -15.21 10.66 -12.63
C SER A 88 -16.33 9.67 -12.28
N CYS A 89 -17.42 9.72 -13.04
CA CYS A 89 -18.56 8.84 -12.80
C CYS A 89 -18.16 7.37 -12.96
N ALA A 90 -17.43 7.05 -14.03
CA ALA A 90 -17.06 5.66 -14.29
C ALA A 90 -16.15 5.10 -13.19
N MET A 91 -15.24 5.92 -12.68
CA MET A 91 -14.34 5.46 -11.62
C MET A 91 -15.10 5.15 -10.34
N TRP A 92 -16.06 6.01 -9.97
CA TRP A 92 -16.87 5.74 -8.77
C TRP A 92 -17.68 4.47 -8.93
N ILE A 93 -18.30 4.28 -10.10
CA ILE A 93 -19.10 3.07 -10.34
C ILE A 93 -18.22 1.83 -10.24
N SER A 94 -17.03 1.89 -10.83
CA SER A 94 -16.11 0.75 -10.80
C SER A 94 -15.69 0.40 -9.38
N TYR A 95 -15.33 1.41 -8.59
CA TYR A 95 -14.96 1.17 -7.19
C TYR A 95 -16.11 0.50 -6.43
N PHE A 96 -17.32 1.03 -6.57
CA PHE A 96 -18.47 0.50 -5.85
C PHE A 96 -18.76 -0.95 -6.24
N VAL A 97 -18.69 -1.26 -7.53
CA VAL A 97 -18.99 -2.61 -8.00
C VAL A 97 -17.99 -3.62 -7.44
N GLN A 98 -16.69 -3.32 -7.57
CA GLN A 98 -15.66 -4.26 -7.13
C GLN A 98 -15.65 -4.40 -5.61
N SER A 99 -15.91 -3.31 -4.89
CA SER A 99 -15.96 -3.38 -3.43
C SER A 99 -17.15 -4.21 -2.96
N ILE A 100 -18.33 -4.01 -3.55
CA ILE A 100 -19.52 -4.76 -3.14
C ILE A 100 -19.35 -6.23 -3.43
N ARG A 101 -18.77 -6.58 -4.59
CA ARG A 101 -18.58 -7.99 -4.94
C ARG A 101 -17.68 -8.68 -3.92
N LEU A 102 -16.55 -8.06 -3.58
CA LEU A 102 -15.67 -8.65 -2.58
C LEU A 102 -16.33 -8.71 -1.21
N PHE A 103 -17.22 -7.75 -0.90
CA PHE A 103 -17.89 -7.78 0.39
C PHE A 103 -18.93 -8.90 0.45
N MET A 104 -19.67 -9.11 -0.65
CA MET A 104 -20.59 -10.25 -0.69
C MET A 104 -19.85 -11.57 -0.59
N ARG A 105 -18.62 -11.62 -1.11
CA ARG A 105 -17.85 -12.86 -1.08
C ARG A 105 -17.19 -13.10 0.27
N THR A 106 -16.76 -12.04 0.96
CA THR A 106 -15.99 -12.18 2.20
C THR A 106 -16.69 -11.60 3.41
N GLY A 107 -17.35 -10.45 3.28
CA GLY A 107 -17.91 -9.77 4.42
C GLY A 107 -16.92 -8.92 5.18
N SER A 108 -15.67 -8.85 4.74
CA SER A 108 -14.64 -8.08 5.40
C SER A 108 -14.62 -6.64 4.91
N TRP A 109 -14.27 -5.73 5.82
CA TRP A 109 -14.11 -4.33 5.44
C TRP A 109 -12.87 -4.10 4.61
N TRP A 110 -11.91 -5.03 4.64
CA TRP A 110 -10.73 -4.93 3.79
C TRP A 110 -11.10 -4.87 2.31
N SER A 111 -12.31 -5.31 1.95
CA SER A 111 -12.76 -5.25 0.56
C SER A 111 -12.97 -3.83 0.06
N PHE A 112 -13.00 -2.83 0.96
CA PHE A 112 -13.16 -1.44 0.56
C PHE A 112 -11.84 -0.71 0.43
N ASN A 113 -10.72 -1.43 0.46
CA ASN A 113 -9.40 -0.84 0.32
C ASN A 113 -8.93 -0.92 -1.12
N PRO A 114 -8.79 0.20 -1.83
CA PRO A 114 -8.33 0.14 -3.23
C PRO A 114 -6.91 -0.39 -3.37
N GLU A 115 -6.16 -0.50 -2.27
CA GLU A 115 -4.80 -0.99 -2.34
C GLU A 115 -4.74 -2.49 -2.61
N SER A 116 -5.74 -3.24 -2.13
CA SER A 116 -5.73 -4.68 -2.20
C SER A 116 -7.04 -5.18 -2.80
N ASN A 117 -6.92 -6.05 -3.81
CA ASN A 117 -8.08 -6.69 -4.42
C ASN A 117 -8.06 -8.21 -4.28
N CYS A 118 -7.19 -8.75 -3.42
CA CYS A 118 -7.14 -10.17 -3.13
C CYS A 118 -7.18 -10.37 -1.62
N LEU A 119 -8.07 -11.24 -1.16
CA LEU A 119 -8.24 -11.49 0.27
C LEU A 119 -8.04 -12.96 0.59
N LEU A 120 -7.39 -13.23 1.72
CA LEU A 120 -7.15 -14.58 2.22
C LEU A 120 -7.96 -14.79 3.49
N ASN A 121 -8.84 -15.80 3.46
CA ASN A 121 -9.70 -16.12 4.59
C ASN A 121 -9.25 -17.45 5.20
N VAL A 122 -8.97 -17.43 6.50
CA VAL A 122 -8.52 -18.61 7.22
C VAL A 122 -9.46 -18.83 8.40
N PRO A 123 -10.09 -20.01 8.54
CA PRO A 123 -11.00 -20.23 9.68
C PRO A 123 -10.27 -20.79 10.89
N ILE A 124 -10.03 -19.97 11.91
CA ILE A 124 -9.41 -20.43 13.14
C ILE A 124 -10.50 -20.82 14.11
N GLY A 125 -10.63 -22.11 14.38
CA GLY A 125 -11.69 -22.60 15.26
C GLY A 125 -13.06 -22.28 14.69
N GLY A 126 -13.83 -21.45 15.40
CA GLY A 126 -15.13 -21.03 14.97
C GLY A 126 -15.22 -19.66 14.36
N THR A 127 -14.10 -18.96 14.22
CA THR A 127 -14.06 -17.63 13.64
C THR A 127 -13.21 -17.65 12.37
N THR A 128 -13.39 -16.62 11.55
CA THR A 128 -12.66 -16.46 10.29
C THR A 128 -11.84 -15.17 10.36
N VAL A 129 -10.57 -15.25 9.99
CA VAL A 129 -9.68 -14.09 9.94
C VAL A 129 -9.30 -13.84 8.49
N VAL A 130 -9.43 -12.58 8.06
CA VAL A 130 -9.21 -12.19 6.68
C VAL A 130 -8.03 -11.23 6.65
N ARG A 131 -7.13 -11.42 5.67
CA ARG A 131 -5.96 -10.57 5.47
C ARG A 131 -5.76 -10.35 3.98
N PRO A 132 -5.49 -9.12 3.57
CA PRO A 132 -5.21 -8.86 2.15
C PRO A 132 -3.92 -9.54 1.71
N LEU A 133 -3.95 -10.09 0.51
CA LEU A 133 -2.83 -10.85 -0.04
C LEU A 133 -2.02 -9.96 -0.99
N VAL A 134 -0.70 -9.96 -0.79
CA VAL A 134 0.17 -9.12 -1.61
C VAL A 134 0.24 -9.66 -3.04
N GLU A 135 0.53 -10.96 -3.17
CA GLU A 135 0.73 -11.59 -4.47
C GLU A 135 -0.17 -12.81 -4.59
N ASP A 136 -0.88 -12.89 -5.71
CA ASP A 136 -1.67 -14.08 -6.01
C ASP A 136 -0.76 -15.29 -6.24
N SER A 137 -1.21 -16.46 -5.80
CA SER A 137 -0.45 -17.68 -6.00
C SER A 137 -1.41 -18.86 -5.97
N THR A 138 -0.93 -20.00 -6.46
CA THR A 138 -1.69 -21.24 -6.44
C THR A 138 -1.45 -22.07 -5.19
N SER A 139 -0.44 -21.71 -4.39
CA SER A 139 -0.09 -22.45 -3.18
C SER A 139 0.10 -21.47 -2.03
N VAL A 140 -0.23 -21.93 -0.82
CA VAL A 140 -0.12 -21.13 0.39
C VAL A 140 0.59 -21.96 1.46
N THR A 141 1.63 -21.40 2.07
CA THR A 141 2.41 -22.10 3.08
C THR A 141 2.02 -21.60 4.47
N ALA A 142 1.79 -22.53 5.39
CA ALA A 142 1.47 -22.21 6.77
C ALA A 142 2.51 -22.82 7.70
N VAL A 143 2.91 -22.05 8.72
CA VAL A 143 3.87 -22.48 9.72
C VAL A 143 3.34 -22.09 11.10
N VAL A 144 3.34 -23.05 12.03
CA VAL A 144 2.94 -22.81 13.41
C VAL A 144 4.13 -23.09 14.31
N THR A 145 4.42 -22.17 15.22
CA THR A 145 5.53 -22.29 16.15
C THR A 145 5.01 -22.13 17.58
N ASP A 146 5.15 -23.17 18.39
CA ASP A 146 4.75 -23.16 19.80
C ASP A 146 3.29 -22.75 19.97
N GLY A 147 2.45 -23.12 19.00
CA GLY A 147 1.03 -22.84 19.09
C GLY A 147 0.56 -21.54 18.46
N TYR A 148 1.45 -20.80 17.81
CA TYR A 148 1.09 -19.55 17.14
C TYR A 148 1.23 -19.74 15.64
N LEU A 149 0.20 -19.34 14.90
CA LEU A 149 0.06 -19.66 13.48
C LEU A 149 0.38 -18.44 12.62
N LYS A 150 1.23 -18.65 11.61
CA LYS A 150 1.59 -17.61 10.65
C LYS A 150 1.48 -18.19 9.24
N MET A 151 0.67 -17.57 8.40
CA MET A 151 0.41 -18.06 7.05
C MET A 151 0.86 -17.04 6.03
N ALA A 152 1.54 -17.51 4.99
CA ALA A 152 1.99 -16.68 3.87
C ALA A 152 2.83 -15.50 4.34
N GLY A 153 3.66 -15.73 5.36
CA GLY A 153 4.48 -14.67 5.91
C GLY A 153 3.71 -13.61 6.67
N MET A 154 2.46 -13.88 7.02
CA MET A 154 1.63 -12.95 7.78
C MET A 154 1.15 -13.63 9.06
N HIS A 155 1.30 -12.93 10.18
CA HIS A 155 0.85 -13.47 11.47
C HIS A 155 -0.67 -13.54 11.50
N PHE A 156 -1.21 -14.74 11.74
CA PHE A 156 -2.66 -14.93 11.78
C PHE A 156 -3.22 -15.13 13.18
N GLY A 157 -2.42 -15.60 14.13
CA GLY A 157 -2.84 -15.59 15.52
C GLY A 157 -2.45 -16.83 16.31
N ALA A 158 -3.35 -17.26 17.20
CA ALA A 158 -3.13 -18.41 18.07
C ALA A 158 -3.97 -19.58 17.57
N CYS A 159 -3.31 -20.67 17.23
CA CYS A 159 -3.99 -21.86 16.73
C CYS A 159 -3.13 -23.09 17.02
N ASP A 160 -3.77 -24.14 17.51
CA ASP A 160 -3.06 -25.40 17.75
C ASP A 160 -2.77 -26.11 16.43
N PHE A 161 -1.59 -26.70 16.33
CA PHE A 161 -1.21 -27.39 15.10
C PHE A 161 -2.18 -28.51 14.76
N GLN A 162 -2.76 -29.15 15.77
CA GLN A 162 -3.71 -30.23 15.51
C GLN A 162 -5.04 -29.71 14.96
N ARG A 163 -5.35 -28.44 15.19
CA ARG A 163 -6.63 -27.86 14.80
C ARG A 163 -6.51 -26.98 13.56
N LEU A 164 -5.51 -27.23 12.72
CA LEU A 164 -5.36 -26.45 11.50
C LEU A 164 -6.51 -26.74 10.54
N PRO A 165 -6.99 -25.73 9.82
CA PRO A 165 -8.11 -25.96 8.90
C PRO A 165 -7.70 -26.85 7.74
N SER A 166 -8.67 -27.62 7.27
CA SER A 166 -8.45 -28.45 6.09
C SER A 166 -8.47 -27.63 4.81
N GLU A 167 -9.33 -26.61 4.75
CA GLU A 167 -9.47 -25.76 3.58
C GLU A 167 -9.27 -24.30 3.94
N VAL A 168 -8.81 -23.53 2.97
CA VAL A 168 -8.62 -22.08 3.10
C VAL A 168 -9.02 -21.47 1.76
N THR A 169 -9.60 -20.27 1.81
CA THR A 169 -10.16 -19.64 0.63
C THR A 169 -9.42 -18.34 0.30
N VAL A 170 -9.38 -18.05 -1.00
CA VAL A 170 -8.83 -16.79 -1.53
C VAL A 170 -9.90 -16.16 -2.41
N ALA A 171 -10.28 -14.94 -2.09
CA ALA A 171 -11.40 -14.28 -2.75
C ALA A 171 -10.93 -13.09 -3.58
N LYS A 172 -11.30 -13.08 -4.84
CA LYS A 172 -11.11 -11.98 -5.76
C LYS A 172 -12.45 -11.36 -6.10
N PRO A 173 -12.47 -10.18 -6.73
CA PRO A 173 -13.77 -9.57 -7.08
C PRO A 173 -14.64 -10.45 -7.94
N ASN A 174 -14.07 -11.25 -8.83
CA ASN A 174 -14.86 -12.08 -9.74
C ASN A 174 -14.98 -13.54 -9.31
N VAL A 175 -13.93 -14.11 -8.72
CA VAL A 175 -13.89 -15.55 -8.45
C VAL A 175 -13.39 -15.79 -7.04
N LEU A 176 -13.91 -16.87 -6.43
CA LEU A 176 -13.44 -17.38 -5.14
C LEU A 176 -12.76 -18.73 -5.36
N ILE A 177 -11.58 -18.90 -4.79
CA ILE A 177 -10.79 -20.12 -4.98
C ILE A 177 -10.61 -20.79 -3.63
N ALA A 178 -10.69 -22.12 -3.63
CA ALA A 178 -10.52 -22.92 -2.42
C ALA A 178 -9.23 -23.73 -2.51
N LEU A 179 -8.46 -23.73 -1.42
CA LEU A 179 -7.21 -24.45 -1.34
C LEU A 179 -7.25 -25.40 -0.15
N LYS A 180 -6.99 -26.67 -0.40
CA LYS A 180 -7.03 -27.70 0.63
C LYS A 180 -5.62 -28.13 1.01
N MET A 181 -5.48 -28.62 2.23
CA MET A 181 -4.18 -29.05 2.74
C MET A 181 -3.68 -30.26 1.97
N ILE A 182 -2.37 -30.28 1.71
CA ILE A 182 -1.74 -31.39 1.01
C ILE A 182 -0.65 -32.00 1.88
N LYS A 183 0.34 -31.17 2.25
CA LYS A 183 1.48 -31.64 3.03
C LYS A 183 1.32 -31.20 4.48
N ARG A 184 1.61 -32.13 5.39
CA ARG A 184 1.52 -31.84 6.82
C ARG A 184 2.71 -32.50 7.50
N GLN A 185 3.56 -31.70 8.15
CA GLN A 185 4.73 -32.19 8.86
C GLN A 185 4.75 -31.58 10.26
N ALA A 186 4.94 -32.41 11.28
CA ALA A 186 4.93 -31.98 12.67
C ALA A 186 6.36 -31.98 13.21
N TYR A 187 6.89 -30.78 13.49
CA TYR A 187 8.21 -30.68 14.10
C TYR A 187 8.16 -31.01 15.59
N GLY A 188 7.26 -30.38 16.32
CA GLY A 188 7.14 -30.61 17.75
C GLY A 188 5.72 -30.90 18.17
N THR A 189 5.44 -30.76 19.48
CA THR A 189 4.09 -30.99 19.99
C THR A 189 3.09 -30.04 19.36
N ASN A 190 3.43 -28.74 19.32
CA ASN A 190 2.55 -27.72 18.74
C ASN A 190 3.33 -26.85 17.77
N SER A 191 4.10 -27.50 16.89
CA SER A 191 4.87 -26.83 15.86
C SER A 191 4.84 -27.69 14.61
N GLY A 192 4.75 -27.04 13.45
CA GLY A 192 4.71 -27.78 12.21
C GLY A 192 4.58 -26.85 11.02
N VAL A 193 4.52 -27.47 9.84
CA VAL A 193 4.41 -26.75 8.57
C VAL A 193 3.37 -27.46 7.71
N ALA A 194 2.58 -26.69 6.97
CA ALA A 194 1.58 -27.24 6.07
C ALA A 194 1.54 -26.44 4.78
N ILE A 195 1.12 -27.10 3.70
CA ILE A 195 1.02 -26.48 2.39
C ILE A 195 -0.39 -26.72 1.85
N TYR A 196 -1.03 -25.65 1.38
CA TYR A 196 -2.37 -25.70 0.80
C TYR A 196 -2.27 -25.38 -0.69
N HIS A 197 -2.96 -26.18 -1.51
CA HIS A 197 -3.00 -25.95 -2.95
C HIS A 197 -4.44 -25.89 -3.42
N ARG A 198 -4.66 -25.12 -4.48
CA ARG A 198 -6.00 -24.90 -5.01
C ARG A 198 -6.48 -26.08 -5.83
N TYR A 199 -7.80 -26.31 -5.80
CA TYR A 199 -8.41 -27.40 -6.56
C TYR A 199 -9.75 -27.04 -7.20
N LYS A 200 -10.42 -25.97 -6.78
CA LYS A 200 -11.74 -25.64 -7.29
C LYS A 200 -11.85 -24.13 -7.50
N ALA A 201 -12.69 -23.74 -8.45
CA ALA A 201 -12.97 -22.35 -8.76
C ALA A 201 -14.43 -22.03 -8.47
N GLY A 202 -14.69 -20.78 -8.10
CA GLY A 202 -16.01 -20.32 -7.71
C GLY A 202 -16.65 -19.41 -8.75
N ASN A 203 -17.86 -18.97 -8.41
CA ASN A 203 -18.64 -18.11 -9.30
C ASN A 203 -18.76 -16.70 -8.75
N ASP B 11 -17.69 41.49 -17.22
CA ASP B 11 -17.23 40.81 -18.42
C ASP B 11 -15.94 40.03 -18.15
N GLU B 12 -14.87 40.77 -17.85
CA GLU B 12 -13.62 40.13 -17.46
C GLU B 12 -13.79 39.28 -16.21
N VAL B 13 -14.80 39.57 -15.39
CA VAL B 13 -15.00 38.83 -14.15
C VAL B 13 -15.28 37.36 -14.44
N LEU B 14 -16.14 37.09 -15.44
CA LEU B 14 -16.52 35.72 -15.73
C LEU B 14 -15.39 34.93 -16.38
N ARG B 15 -14.54 35.59 -17.17
CA ARG B 15 -13.46 34.90 -17.86
C ARG B 15 -12.52 34.20 -16.89
N LEU B 16 -12.08 34.92 -15.85
CA LEU B 16 -11.17 34.31 -14.89
C LEU B 16 -11.83 33.15 -14.15
N VAL B 17 -13.13 33.27 -13.83
CA VAL B 17 -13.86 32.17 -13.19
C VAL B 17 -13.72 30.90 -14.02
N LYS B 18 -13.91 31.02 -15.33
CA LYS B 18 -13.78 29.86 -16.22
C LYS B 18 -12.36 29.29 -16.17
N ASP B 19 -11.34 30.15 -16.25
CA ASP B 19 -9.96 29.69 -16.23
C ASP B 19 -9.63 28.94 -14.95
N TRP B 20 -9.95 29.54 -13.79
CA TRP B 20 -9.62 28.89 -12.52
C TRP B 20 -10.37 27.58 -12.36
N ASN B 21 -11.65 27.55 -12.72
CA ASN B 21 -12.45 26.34 -12.55
C ASN B 21 -11.98 25.21 -13.47
N PHE B 22 -11.56 25.55 -14.69
CA PHE B 22 -11.07 24.54 -15.62
C PHE B 22 -9.79 23.89 -15.09
N THR B 23 -8.82 24.71 -14.68
CA THR B 23 -7.56 24.17 -14.18
C THR B 23 -7.78 23.34 -12.92
N TRP B 24 -8.61 23.84 -11.98
CA TRP B 24 -8.85 23.10 -10.75
C TRP B 24 -9.54 21.77 -11.03
N SER B 25 -10.44 21.73 -12.02
CA SER B 25 -11.13 20.49 -12.35
C SER B 25 -10.16 19.43 -12.84
N VAL B 26 -9.20 19.82 -13.68
CA VAL B 26 -8.18 18.89 -14.14
C VAL B 26 -7.32 18.39 -12.98
N VAL B 27 -6.93 19.30 -12.09
CA VAL B 27 -6.10 18.91 -10.94
C VAL B 27 -6.86 17.96 -10.02
N PHE B 28 -8.14 18.24 -9.78
CA PHE B 28 -8.93 17.37 -8.91
C PHE B 28 -9.04 15.96 -9.48
N LEU B 29 -9.23 15.85 -10.80
CA LEU B 29 -9.29 14.54 -11.43
C LEU B 29 -7.96 13.80 -11.28
N LEU B 30 -6.85 14.50 -11.47
CA LEU B 30 -5.54 13.87 -11.30
C LEU B 30 -5.35 13.34 -9.89
N ILE B 31 -5.78 14.12 -8.89
CA ILE B 31 -5.62 13.69 -7.51
C ILE B 31 -6.51 12.49 -7.22
N THR B 32 -7.72 12.48 -7.76
CA THR B 32 -8.60 11.32 -7.60
C THR B 32 -7.96 10.05 -8.18
N ILE B 33 -7.34 10.17 -9.35
CA ILE B 33 -6.76 9.00 -10.03
C ILE B 33 -5.58 8.44 -9.22
N VAL B 34 -4.65 9.31 -8.82
CA VAL B 34 -3.48 8.83 -8.09
C VAL B 34 -3.87 8.30 -6.72
N LEU B 35 -4.94 8.85 -6.13
CA LEU B 35 -5.39 8.39 -4.82
C LEU B 35 -6.09 7.04 -4.90
N GLN B 36 -6.73 6.75 -6.05
CA GLN B 36 -7.48 5.50 -6.21
C GLN B 36 -6.62 4.36 -6.75
N TYR B 37 -5.69 4.65 -7.66
CA TYR B 37 -4.96 3.60 -8.37
C TYR B 37 -3.44 3.69 -8.20
N GLY B 38 -2.93 4.61 -7.37
CA GLY B 38 -1.50 4.82 -7.27
C GLY B 38 -0.75 3.92 -6.30
N TYR B 39 -0.75 2.61 -6.54
CA TYR B 39 -0.05 1.65 -5.69
C TYR B 39 0.66 0.62 -6.55
N PRO B 40 1.82 0.14 -6.11
CA PRO B 40 2.55 -0.87 -6.91
C PRO B 40 1.77 -2.16 -7.10
N SER B 41 0.90 -2.53 -6.15
CA SER B 41 0.08 -3.73 -6.32
C SER B 41 -1.06 -3.52 -7.31
N ARG B 42 -1.23 -2.31 -7.83
CA ARG B 42 -2.21 -2.03 -8.88
C ARG B 42 -1.50 -1.73 -10.20
N SER B 43 -0.74 -0.64 -10.27
CA SER B 43 0.04 -0.33 -11.46
C SER B 43 1.21 0.56 -11.08
N MET B 44 2.38 0.26 -11.65
CA MET B 44 3.54 1.11 -11.41
C MET B 44 3.42 2.45 -12.11
N PHE B 45 2.63 2.52 -13.18
CA PHE B 45 2.50 3.78 -13.94
C PHE B 45 1.87 4.87 -13.10
N VAL B 46 0.68 4.61 -12.53
CA VAL B 46 0.02 5.58 -11.68
C VAL B 46 0.82 5.81 -10.40
N TYR B 47 1.60 4.82 -9.99
CA TYR B 47 2.46 5.00 -8.82
C TYR B 47 3.52 6.07 -9.06
N VAL B 48 4.17 6.04 -10.23
CA VAL B 48 5.18 7.05 -10.55
C VAL B 48 4.54 8.44 -10.66
N ILE B 49 3.33 8.50 -11.21
CA ILE B 49 2.59 9.77 -11.25
C ILE B 49 2.35 10.29 -9.83
N LYS B 50 1.92 9.40 -8.93
CA LYS B 50 1.70 9.81 -7.55
C LYS B 50 2.99 10.31 -6.93
N MET B 51 4.11 9.65 -7.22
CA MET B 51 5.39 10.12 -6.70
C MET B 51 5.71 11.52 -7.20
N PHE B 52 5.56 11.76 -8.51
CA PHE B 52 5.79 13.10 -9.04
C PHE B 52 4.92 14.13 -8.33
N VAL B 53 3.66 13.77 -8.04
CA VAL B 53 2.77 14.68 -7.33
C VAL B 53 3.32 15.01 -5.95
N LEU B 54 3.82 14.00 -5.23
CA LEU B 54 4.31 14.23 -3.88
C LEU B 54 5.57 15.09 -3.88
N TRP B 55 6.51 14.82 -4.80
CA TRP B 55 7.70 15.67 -4.92
C TRP B 55 7.32 17.13 -5.15
N LEU B 56 6.33 17.37 -6.02
CA LEU B 56 5.87 18.73 -6.24
C LEU B 56 5.12 19.28 -5.03
N LEU B 57 4.49 18.40 -4.25
CA LEU B 57 3.54 18.86 -3.23
C LEU B 57 4.23 19.47 -2.02
N TRP B 58 5.39 18.93 -1.61
CA TRP B 58 6.09 19.47 -0.44
C TRP B 58 6.40 20.95 -0.59
N PRO B 59 7.15 21.41 -1.61
CA PRO B 59 7.49 22.84 -1.66
C PRO B 59 6.29 23.73 -1.93
N ALA B 60 5.28 23.21 -2.64
CA ALA B 60 4.07 23.99 -2.88
C ALA B 60 3.34 24.31 -1.59
N SER B 61 3.20 23.33 -0.69
CA SER B 61 2.55 23.59 0.59
C SER B 61 3.34 24.61 1.41
N MET B 62 4.67 24.45 1.46
CA MET B 62 5.49 25.37 2.23
C MET B 62 5.41 26.78 1.66
N ALA B 63 5.56 26.91 0.34
CA ALA B 63 5.52 28.23 -0.29
C ALA B 63 4.15 28.87 -0.13
N LEU B 64 3.09 28.07 -0.21
CA LEU B 64 1.74 28.59 -0.02
C LEU B 64 1.55 29.12 1.40
N SER B 65 2.00 28.36 2.40
CA SER B 65 1.87 28.81 3.78
C SER B 65 2.74 30.02 4.07
N ILE B 66 3.90 30.14 3.41
CA ILE B 66 4.72 31.33 3.56
C ILE B 66 4.01 32.56 3.00
N PHE B 67 3.33 32.41 1.85
CA PHE B 67 2.56 33.52 1.30
C PHE B 67 1.48 33.98 2.26
N CYS B 68 0.78 33.02 2.90
CA CYS B 68 -0.27 33.38 3.84
C CYS B 68 0.30 33.99 5.12
N ALA B 69 1.54 33.66 5.48
CA ALA B 69 2.17 34.28 6.65
C ALA B 69 2.57 35.72 6.37
N VAL B 70 2.95 36.04 5.14
CA VAL B 70 3.33 37.42 4.80
C VAL B 70 2.11 38.31 4.68
N TYR B 71 1.02 37.77 4.15
CA TYR B 71 -0.24 38.51 3.97
C TYR B 71 -1.32 37.82 4.80
N PRO B 72 -1.35 38.04 6.11
CA PRO B 72 -2.30 37.32 6.96
C PRO B 72 -3.63 38.07 7.09
N ILE B 73 -4.64 37.31 7.52
CA ILE B 73 -5.92 37.92 7.87
C ILE B 73 -5.83 38.58 9.24
N ASP B 74 -5.17 37.93 10.19
CA ASP B 74 -4.97 38.49 11.52
C ASP B 74 -3.77 37.79 12.15
N LEU B 75 -3.56 38.02 13.45
CA LEU B 75 -2.42 37.44 14.14
C LEU B 75 -2.52 35.92 14.22
N ALA B 76 -3.72 35.39 14.45
CA ALA B 76 -3.89 33.95 14.55
C ALA B 76 -3.59 33.26 13.23
N SER B 77 -4.05 33.85 12.10
CA SER B 77 -3.74 33.29 10.80
C SER B 77 -2.23 33.27 10.56
N GLN B 78 -1.54 34.31 11.02
CA GLN B 78 -0.09 34.39 10.86
C GLN B 78 0.61 33.25 11.59
N ILE B 79 0.22 33.00 12.84
CA ILE B 79 0.86 31.95 13.62
C ILE B 79 0.56 30.58 13.04
N ILE B 80 -0.68 30.32 12.67
CA ILE B 80 -1.03 29.03 12.07
C ILE B 80 -0.28 28.83 10.76
N SER B 81 -0.19 29.89 9.94
CA SER B 81 0.55 29.77 8.69
C SER B 81 2.02 29.41 8.92
N GLY B 82 2.65 30.03 9.91
CA GLY B 82 4.01 29.66 10.25
C GLY B 82 4.16 28.21 10.68
N ILE B 83 3.23 27.74 11.52
CA ILE B 83 3.29 26.34 11.99
C ILE B 83 3.09 25.37 10.83
N LEU B 84 2.17 25.68 9.92
CA LEU B 84 1.93 24.80 8.79
C LEU B 84 3.12 24.77 7.84
N ALA B 85 3.78 25.92 7.65
CA ALA B 85 4.97 25.97 6.80
C ALA B 85 6.09 25.13 7.38
N ALA B 86 6.34 25.27 8.68
CA ALA B 86 7.33 24.41 9.34
C ALA B 86 6.93 22.94 9.27
N THR B 87 5.63 22.65 9.28
CA THR B 87 5.16 21.27 9.16
C THR B 87 5.56 20.67 7.81
N SER B 88 5.37 21.41 6.72
CA SER B 88 5.79 20.94 5.40
C SER B 88 7.29 20.67 5.37
N CYS B 89 8.08 21.59 5.92
CA CYS B 89 9.53 21.43 5.93
C CYS B 89 9.95 20.18 6.70
N ALA B 90 9.37 19.98 7.89
CA ALA B 90 9.77 18.85 8.73
C ALA B 90 9.46 17.53 8.06
N MET B 91 8.32 17.44 7.37
CA MET B 91 7.93 16.21 6.69
C MET B 91 8.88 15.88 5.54
N TRP B 92 9.26 16.88 4.75
CA TRP B 92 10.20 16.65 3.67
C TRP B 92 11.54 16.19 4.20
N ILE B 93 12.03 16.82 5.26
CA ILE B 93 13.31 16.44 5.86
C ILE B 93 13.25 15.01 6.37
N SER B 94 12.14 14.64 7.04
CA SER B 94 12.02 13.30 7.58
C SER B 94 12.02 12.25 6.47
N TYR B 95 11.24 12.48 5.41
CA TYR B 95 11.22 11.54 4.28
C TYR B 95 12.62 11.33 3.72
N PHE B 96 13.34 12.42 3.47
CA PHE B 96 14.68 12.33 2.88
C PHE B 96 15.64 11.55 3.78
N VAL B 97 15.58 11.80 5.09
CA VAL B 97 16.51 11.15 6.01
C VAL B 97 16.32 9.63 6.00
N GLN B 98 15.07 9.18 6.18
CA GLN B 98 14.80 7.74 6.24
C GLN B 98 15.02 7.07 4.88
N SER B 99 14.69 7.76 3.79
CA SER B 99 14.90 7.18 2.47
C SER B 99 16.38 7.01 2.16
N ILE B 100 17.18 8.02 2.48
CA ILE B 100 18.62 7.94 2.21
C ILE B 100 19.26 6.85 3.05
N ARG B 101 18.86 6.75 4.33
CA ARG B 101 19.42 5.73 5.21
C ARG B 101 19.12 4.32 4.68
N LEU B 102 17.87 4.08 4.28
CA LEU B 102 17.54 2.77 3.72
C LEU B 102 18.27 2.52 2.41
N PHE B 103 18.51 3.57 1.61
CA PHE B 103 19.20 3.37 0.34
C PHE B 103 20.68 3.10 0.56
N MET B 104 21.29 3.76 1.54
CA MET B 104 22.68 3.45 1.87
C MET B 104 22.80 2.02 2.38
N ARG B 105 21.77 1.52 3.06
CA ARG B 105 21.79 0.18 3.63
C ARG B 105 21.52 -0.91 2.59
N THR B 106 20.69 -0.64 1.60
CA THR B 106 20.26 -1.65 0.63
C THR B 106 20.68 -1.38 -0.80
N GLY B 107 20.63 -0.12 -1.24
CA GLY B 107 20.88 0.22 -2.62
C GLY B 107 19.69 0.05 -3.54
N SER B 108 18.54 -0.37 -3.03
CA SER B 108 17.34 -0.57 -3.83
C SER B 108 16.51 0.70 -3.93
N TRP B 109 15.84 0.87 -5.06
CA TRP B 109 14.93 2.01 -5.23
C TRP B 109 13.67 1.86 -4.39
N TRP B 110 13.34 0.64 -3.93
CA TRP B 110 12.20 0.46 -3.04
C TRP B 110 12.32 1.30 -1.77
N SER B 111 13.53 1.74 -1.41
CA SER B 111 13.72 2.56 -0.21
C SER B 111 13.08 3.93 -0.31
N PHE B 112 12.66 4.36 -1.50
CA PHE B 112 12.00 5.64 -1.67
C PHE B 112 10.47 5.50 -1.69
N ASN B 113 9.96 4.34 -1.30
CA ASN B 113 8.53 4.08 -1.30
C ASN B 113 7.96 4.34 0.09
N PRO B 114 7.10 5.36 0.27
CA PRO B 114 6.51 5.61 1.60
C PRO B 114 5.61 4.49 2.08
N GLU B 115 5.26 3.54 1.20
CA GLU B 115 4.38 2.44 1.58
C GLU B 115 5.08 1.43 2.48
N SER B 116 6.39 1.22 2.29
CA SER B 116 7.12 0.17 2.98
C SER B 116 8.36 0.72 3.66
N ASN B 117 8.55 0.36 4.93
CA ASN B 117 9.77 0.71 5.66
C ASN B 117 10.56 -0.52 6.08
N CYS B 118 10.22 -1.68 5.53
CA CYS B 118 10.94 -2.93 5.77
C CYS B 118 11.28 -3.56 4.43
N LEU B 119 12.55 -3.91 4.24
CA LEU B 119 13.01 -4.53 3.01
C LEU B 119 13.68 -5.86 3.33
N LEU B 120 13.44 -6.84 2.48
CA LEU B 120 14.04 -8.17 2.60
C LEU B 120 15.03 -8.37 1.45
N ASN B 121 16.29 -8.62 1.80
CA ASN B 121 17.33 -8.84 0.80
C ASN B 121 17.73 -10.31 0.82
N VAL B 122 17.65 -10.95 -0.33
CA VAL B 122 17.98 -12.36 -0.48
C VAL B 122 19.03 -12.49 -1.57
N PRO B 123 20.18 -13.13 -1.29
CA PRO B 123 21.21 -13.28 -2.33
C PRO B 123 21.01 -14.53 -3.17
N ILE B 124 20.54 -14.37 -4.41
CA ILE B 124 20.37 -15.49 -5.32
C ILE B 124 21.66 -15.63 -6.13
N GLY B 125 22.42 -16.69 -5.87
CA GLY B 125 23.69 -16.88 -6.56
C GLY B 125 24.63 -15.73 -6.27
N GLY B 126 24.98 -14.99 -7.33
CA GLY B 126 25.86 -13.84 -7.21
C GLY B 126 25.18 -12.50 -7.26
N THR B 127 23.85 -12.47 -7.33
CA THR B 127 23.08 -11.23 -7.36
C THR B 127 22.19 -11.16 -6.13
N THR B 128 21.68 -9.97 -5.85
CA THR B 128 20.81 -9.72 -4.71
C THR B 128 19.46 -9.24 -5.20
N VAL B 129 18.39 -9.84 -4.66
CA VAL B 129 17.02 -9.45 -4.98
C VAL B 129 16.38 -8.88 -3.72
N VAL B 130 15.76 -7.71 -3.85
CA VAL B 130 15.16 -6.99 -2.73
C VAL B 130 13.66 -6.90 -2.97
N ARG B 131 12.89 -7.13 -1.91
CA ARG B 131 11.43 -7.04 -1.93
C ARG B 131 10.96 -6.41 -0.63
N PRO B 132 10.00 -5.48 -0.69
CA PRO B 132 9.47 -4.88 0.54
C PRO B 132 8.75 -5.91 1.39
N LEU B 133 8.92 -5.81 2.70
CA LEU B 133 8.34 -6.75 3.64
C LEU B 133 7.05 -6.17 4.22
N VAL B 134 5.98 -6.97 4.18
CA VAL B 134 4.68 -6.50 4.64
C VAL B 134 4.68 -6.34 6.16
N GLU B 135 5.09 -7.38 6.88
CA GLU B 135 5.07 -7.38 8.34
C GLU B 135 6.43 -7.77 8.89
N ASP B 136 6.95 -6.97 9.82
CA ASP B 136 8.19 -7.32 10.48
C ASP B 136 8.00 -8.58 11.33
N SER B 137 9.03 -9.43 11.35
CA SER B 137 9.00 -10.65 12.14
C SER B 137 10.41 -11.06 12.46
N THR B 138 10.54 -11.96 13.44
CA THR B 138 11.84 -12.51 13.81
C THR B 138 12.19 -13.77 13.04
N SER B 139 11.25 -14.34 12.28
CA SER B 139 11.48 -15.56 11.54
C SER B 139 10.97 -15.40 10.10
N VAL B 140 11.64 -16.06 9.17
CA VAL B 140 11.29 -16.03 7.76
C VAL B 140 11.32 -17.44 7.21
N THR B 141 10.23 -17.85 6.55
CA THR B 141 10.11 -19.19 6.00
C THR B 141 10.34 -19.15 4.50
N ALA B 142 11.16 -20.07 4.00
CA ALA B 142 11.44 -20.20 2.58
C ALA B 142 11.01 -21.58 2.11
N VAL B 143 10.42 -21.65 0.92
CA VAL B 143 9.95 -22.90 0.33
C VAL B 143 10.40 -22.95 -1.12
N VAL B 144 10.99 -24.08 -1.51
CA VAL B 144 11.41 -24.32 -2.88
C VAL B 144 10.62 -25.50 -3.41
N THR B 145 10.02 -25.33 -4.59
CA THR B 145 9.25 -26.40 -5.24
C THR B 145 9.78 -26.58 -6.65
N ASP B 146 10.33 -27.76 -6.92
CA ASP B 146 10.86 -28.11 -8.25
C ASP B 146 11.85 -27.06 -8.76
N GLY B 147 12.60 -26.44 -7.85
CA GLY B 147 13.62 -25.48 -8.23
C GLY B 147 13.19 -24.03 -8.24
N TYR B 148 11.97 -23.72 -7.82
CA TYR B 148 11.48 -22.35 -7.77
C TYR B 148 11.29 -21.93 -6.32
N LEU B 149 11.85 -20.78 -5.95
CA LEU B 149 11.96 -20.34 -4.57
C LEU B 149 10.97 -19.23 -4.27
N LYS B 150 10.24 -19.38 -3.17
CA LYS B 150 9.29 -18.39 -2.69
C LYS B 150 9.52 -18.19 -1.20
N MET B 151 9.80 -16.94 -0.79
CA MET B 151 10.14 -16.62 0.58
C MET B 151 9.10 -15.67 1.17
N ALA B 152 8.67 -15.96 2.40
CA ALA B 152 7.75 -15.12 3.15
C ALA B 152 6.47 -14.86 2.36
N GLY B 153 6.02 -15.88 1.63
CA GLY B 153 4.82 -15.77 0.82
C GLY B 153 4.97 -14.88 -0.40
N MET B 154 6.20 -14.55 -0.79
CA MET B 154 6.46 -13.72 -1.96
C MET B 154 7.37 -14.48 -2.93
N HIS B 155 6.99 -14.48 -4.20
CA HIS B 155 7.79 -15.16 -5.23
C HIS B 155 9.11 -14.42 -5.42
N PHE B 156 10.22 -15.13 -5.22
CA PHE B 156 11.54 -14.52 -5.37
C PHE B 156 12.29 -14.96 -6.61
N GLY B 157 11.98 -16.14 -7.17
CA GLY B 157 12.50 -16.51 -8.46
C GLY B 157 12.92 -17.96 -8.60
N ALA B 158 14.00 -18.20 -9.33
CA ALA B 158 14.53 -19.53 -9.60
C ALA B 158 15.77 -19.78 -8.76
N CYS B 159 15.73 -20.81 -7.92
CA CYS B 159 16.86 -21.12 -7.06
C CYS B 159 16.80 -22.60 -6.69
N ASP B 160 17.95 -23.27 -6.76
CA ASP B 160 18.02 -24.67 -6.36
C ASP B 160 17.98 -24.79 -4.85
N PHE B 161 17.25 -25.80 -4.35
CA PHE B 161 17.16 -26.02 -2.92
C PHE B 161 18.51 -26.29 -2.30
N GLN B 162 19.44 -26.89 -3.05
CA GLN B 162 20.76 -27.20 -2.51
C GLN B 162 21.62 -25.94 -2.33
N ARG B 163 21.33 -24.86 -3.06
CA ARG B 163 22.14 -23.65 -3.03
C ARG B 163 21.49 -22.52 -2.23
N LEU B 164 20.66 -22.85 -1.26
CA LEU B 164 19.99 -21.81 -0.47
C LEU B 164 21.01 -21.04 0.35
N PRO B 165 20.84 -19.72 0.50
CA PRO B 165 21.80 -18.92 1.28
C PRO B 165 21.74 -19.26 2.75
N SER B 166 22.89 -19.13 3.41
CA SER B 166 22.94 -19.35 4.86
C SER B 166 22.34 -18.17 5.63
N GLU B 167 22.53 -16.96 5.13
CA GLU B 167 22.05 -15.76 5.80
C GLU B 167 21.16 -14.95 4.87
N VAL B 168 20.25 -14.20 5.49
CA VAL B 168 19.34 -13.31 4.79
C VAL B 168 19.16 -12.08 5.69
N THR B 169 19.02 -10.91 5.07
CA THR B 169 19.01 -9.65 5.80
C THR B 169 17.67 -8.94 5.63
N VAL B 170 17.29 -8.21 6.69
CA VAL B 170 16.11 -7.35 6.70
C VAL B 170 16.57 -5.96 7.12
N ALA B 171 16.31 -4.96 6.28
CA ALA B 171 16.80 -3.61 6.52
C ALA B 171 15.64 -2.65 6.78
N LYS B 172 15.74 -1.94 7.88
CA LYS B 172 14.85 -0.83 8.23
C LYS B 172 15.64 0.47 8.22
N PRO B 173 14.94 1.63 8.27
CA PRO B 173 15.68 2.90 8.26
C PRO B 173 16.73 3.03 9.35
N ASN B 174 16.50 2.45 10.52
CA ASN B 174 17.42 2.59 11.64
C ASN B 174 18.38 1.42 11.82
N VAL B 175 17.92 0.19 11.57
CA VAL B 175 18.72 -0.99 11.90
C VAL B 175 18.69 -1.98 10.74
N LEU B 176 19.78 -2.73 10.60
CA LEU B 176 19.86 -3.87 9.68
C LEU B 176 19.96 -5.15 10.50
N ILE B 177 19.15 -6.14 10.16
CA ILE B 177 19.05 -7.38 10.92
C ILE B 177 19.47 -8.54 10.03
N ALA B 178 20.20 -9.49 10.61
CA ALA B 178 20.66 -10.68 9.92
C ALA B 178 19.96 -11.91 10.48
N LEU B 179 19.50 -12.79 9.59
CA LEU B 179 18.81 -14.01 9.97
C LEU B 179 19.52 -15.21 9.36
N LYS B 180 19.88 -16.18 10.20
CA LYS B 180 20.61 -17.36 9.75
C LYS B 180 19.67 -18.57 9.68
N MET B 181 19.99 -19.49 8.77
CA MET B 181 19.21 -20.69 8.60
C MET B 181 19.33 -21.60 9.82
N ILE B 182 18.22 -22.21 10.21
CA ILE B 182 18.21 -23.10 11.37
C ILE B 182 17.76 -24.50 10.96
N LYS B 183 16.54 -24.61 10.44
CA LYS B 183 15.95 -25.89 10.08
C LYS B 183 15.96 -26.06 8.57
N ARG B 184 16.30 -27.27 8.12
CA ARG B 184 16.36 -27.59 6.71
C ARG B 184 15.72 -28.96 6.50
N GLN B 185 14.69 -29.02 5.66
CA GLN B 185 14.01 -30.26 5.32
C GLN B 185 13.91 -30.36 3.81
N ALA B 186 14.30 -31.52 3.27
CA ALA B 186 14.32 -31.76 1.83
C ALA B 186 13.17 -32.69 1.48
N TYR B 187 12.17 -32.16 0.78
CA TYR B 187 11.05 -32.97 0.31
C TYR B 187 11.45 -33.81 -0.90
N GLY B 188 12.01 -33.19 -1.91
CA GLY B 188 12.40 -33.91 -3.11
C GLY B 188 13.83 -33.62 -3.52
N THR B 189 14.17 -33.94 -4.78
CA THR B 189 15.51 -33.67 -5.28
C THR B 189 15.82 -32.18 -5.24
N ASN B 190 14.88 -31.35 -5.71
CA ASN B 190 15.02 -29.91 -5.70
C ASN B 190 13.78 -29.26 -5.10
N SER B 191 13.34 -29.80 -3.97
CA SER B 191 12.20 -29.25 -3.24
C SER B 191 12.47 -29.39 -1.74
N GLY B 192 12.08 -28.37 -0.99
CA GLY B 192 12.28 -28.41 0.44
C GLY B 192 11.79 -27.14 1.10
N VAL B 193 11.97 -27.08 2.42
CA VAL B 193 11.53 -25.96 3.24
C VAL B 193 12.67 -25.62 4.21
N ALA B 194 12.86 -24.32 4.45
CA ALA B 194 13.90 -23.85 5.36
C ALA B 194 13.36 -22.69 6.17
N ILE B 195 13.91 -22.50 7.37
CA ILE B 195 13.50 -21.45 8.29
C ILE B 195 14.72 -20.64 8.70
N TYR B 196 14.61 -19.32 8.64
CA TYR B 196 15.66 -18.40 9.05
C TYR B 196 15.18 -17.64 10.29
N HIS B 197 16.06 -17.54 11.29
CA HIS B 197 15.78 -16.80 12.50
C HIS B 197 16.85 -15.75 12.73
N ARG B 198 16.46 -14.64 13.35
CA ARG B 198 17.38 -13.53 13.56
C ARG B 198 18.32 -13.82 14.73
N TYR B 199 19.53 -13.27 14.64
CA TYR B 199 20.52 -13.46 15.70
C TYR B 199 21.35 -12.23 16.02
N LYS B 200 21.45 -11.23 15.15
CA LYS B 200 22.27 -10.07 15.39
C LYS B 200 21.60 -8.82 14.83
N ALA B 201 21.93 -7.68 15.42
CA ALA B 201 21.46 -6.39 14.96
C ALA B 201 22.63 -5.56 14.46
N GLY B 202 22.35 -4.67 13.49
CA GLY B 202 23.37 -3.87 12.86
C GLY B 202 23.31 -2.40 13.26
N ASN B 203 24.23 -1.64 12.67
CA ASN B 203 24.35 -0.22 12.96
C ASN B 203 23.95 0.65 11.77
N ALA C 1 -18.21 -13.14 14.17
CA ALA C 1 -17.90 -14.41 13.51
C ALA C 1 -16.79 -14.26 12.48
N ALA C 2 -16.38 -13.01 12.22
CA ALA C 2 -15.31 -12.72 11.27
C ALA C 2 -14.48 -11.56 11.82
N ALA C 3 -13.17 -11.77 11.92
CA ALA C 3 -12.25 -10.77 12.45
C ALA C 3 -11.26 -10.38 11.36
N ALA C 4 -11.31 -9.12 10.94
CA ALA C 4 -10.45 -8.61 9.88
C ALA C 4 -9.30 -7.85 10.51
N ALA C 5 -8.10 -8.44 10.47
CA ALA C 5 -6.93 -7.81 11.08
C ALA C 5 -5.88 -7.51 10.02
N ALA D 1 23.85 -5.38 -10.15
CA ALA D 1 24.26 -6.03 -8.90
C ALA D 1 23.05 -6.29 -8.00
N ALA D 2 22.21 -5.26 -7.82
CA ALA D 2 21.02 -5.35 -7.00
C ALA D 2 19.79 -5.21 -7.89
N ALA D 3 18.98 -6.27 -7.95
CA ALA D 3 17.76 -6.28 -8.75
C ALA D 3 16.55 -6.21 -7.83
N ALA D 4 15.53 -5.47 -8.25
CA ALA D 4 14.35 -5.29 -7.42
C ALA D 4 13.07 -5.58 -8.20
C01 N8E E . -16.54 -1.84 -21.41
C02 N8E E . -16.99 -0.40 -21.63
C03 N8E E . -15.90 0.56 -21.17
C04 N8E E . -16.07 1.91 -21.88
C05 N8E E . -17.08 2.78 -21.13
C06 N8E E . -17.13 4.17 -21.77
C07 N8E E . -17.61 4.04 -23.22
C08 N8E E . -17.91 5.42 -23.81
O09 N8E E . -18.81 6.13 -22.98
C10 N8E E . -19.73 6.92 -23.66
C11 N8E E . -20.21 8.07 -22.78
O12 N8E E . -19.69 9.29 -23.23
C13 N8E E . -20.37 10.41 -22.74
C14 N8E E . -19.56 11.69 -22.99
O15 N8E E . -20.36 12.81 -22.71
C16 N8E E . -19.73 14.03 -22.91
C17 N8E E . -20.76 15.11 -23.26
O18 N8E E . -20.24 15.97 -24.24
C19 N8E E . -20.79 17.25 -24.23
C20 N8E E . -20.37 18.01 -25.48
O21 N8E E . -21.44 18.76 -25.99
C22 N8E E . -21.07 19.78 -26.86
C23 N8E E . -22.27 20.65 -27.22
O24 N8E E . -21.95 21.52 -28.27
C01 N8E F . -17.13 -0.47 -14.64
C02 N8E F . -17.17 0.58 -15.74
C03 N8E F . -18.58 1.16 -15.82
C04 N8E F . -18.60 2.35 -16.79
C05 N8E F . -19.97 3.04 -16.72
C06 N8E F . -19.90 4.38 -17.43
C07 N8E F . -20.94 5.34 -16.83
C08 N8E F . -20.49 6.78 -17.04
O09 N8E F . -21.56 7.60 -17.40
C10 N8E F . -21.20 8.93 -17.61
C11 N8E F . -22.42 9.78 -17.92
O12 N8E F . -22.00 11.03 -18.44
C13 N8E F . -22.97 12.03 -18.37
C14 N8E F . -22.34 13.34 -17.92
O15 N8E F . -22.23 14.22 -19.01
C16 N8E F . -23.32 15.06 -19.19
C17 N8E F . -22.85 16.51 -19.26
O18 N8E F . -23.72 17.33 -18.53
C19 N8E F . -24.75 17.91 -19.29
C20 N8E F . -24.30 19.30 -19.76
O21 N8E F . -23.98 19.25 -21.12
C22 N8E F . -23.22 20.34 -21.57
C23 N8E F . -23.97 21.65 -21.29
O24 N8E F . -23.57 22.62 -22.21
#